data_4JN1
#
_entry.id   4JN1
#
_cell.length_a   113.132
_cell.length_b   78.217
_cell.length_c   63.434
_cell.angle_alpha   90.00
_cell.angle_beta   89.91
_cell.angle_gamma   90.00
#
_symmetry.space_group_name_H-M   'C 1 2 1'
#
loop_
_entity.id
_entity.type
_entity.pdbx_description
1 polymer 'anti-dabigatran Fab1, heavy chain'
2 polymer 'anti-dabigatran Fab1, light chain'
3 non-polymer GLYCEROL
4 water water
#
loop_
_entity_poly.entity_id
_entity_poly.type
_entity_poly.pdbx_seq_one_letter_code
_entity_poly.pdbx_strand_id
1 'polypeptide(L)'
;QVQLQESGPGLVKPSETLSLTCTVSGFSLTSYIVDWIRQPPGKGLEWIGVIWAGGSTGYNSALRSRVSITKDTSKNQFSL
KLSSVTAADTAVYYCASAAYYSYYNYDGFAYWGQGTLVTVSSASTKGPSVFPLAPSSKSTSGGTAALGCLVKDYFPEPVT
VSWNSGALTSGVHTFPAVLQSSGLYSLSSVVTVPSSSLGTQTYICNVNHKPSNTKVDKKVEPKSC
;
H
2 'polypeptide(L)'
;DVVMTQSPLSLPVTLGQPASISCKSSQSLLYTDGKTYLYWFLQRPGQSPRRLIYLVSKLDSGVPDRFSGSGSGTDFTLKI
SRVEAEDVGVYYCLQSTHFPHTFGGGTKVEIKRTVAAPSVFIFPPSDEQLKSGTASVVCLLNNFYPREAKVQWKVDNALQ
SGNSQESVTEQDSKDSTYSLSSTLTLSKADYEKHKVYACEVTHQGLSSPVTKSFNRGEC
;
L
#
# COMPACT_ATOMS: atom_id res chain seq x y z
N GLN A 1 -22.11 -6.81 -2.93
CA GLN A 1 -22.29 -8.20 -3.38
C GLN A 1 -21.84 -8.44 -4.83
N VAL A 2 -20.93 -7.58 -5.29
CA VAL A 2 -20.30 -7.61 -6.61
C VAL A 2 -18.80 -7.81 -6.36
N GLN A 3 -18.16 -8.68 -7.15
CA GLN A 3 -16.73 -8.95 -7.04
C GLN A 3 -16.06 -8.74 -8.41
N LEU A 4 -14.88 -8.08 -8.42
CA LEU A 4 -14.11 -7.86 -9.64
C LEU A 4 -12.75 -8.47 -9.45
N GLN A 5 -12.39 -9.43 -10.31
CA GLN A 5 -11.10 -10.13 -10.21
C GLN A 5 -10.24 -9.70 -11.39
N GLU A 6 -9.02 -9.23 -11.11
CA GLU A 6 -8.13 -8.78 -12.18
C GLU A 6 -6.99 -9.76 -12.37
N SER A 7 -6.40 -9.75 -13.57
CA SER A 7 -5.25 -10.60 -13.88
C SER A 7 -4.02 -10.14 -13.07
N GLY A 8 -3.01 -11.02 -12.97
CA GLY A 8 -1.81 -10.82 -12.16
C GLY A 8 -0.83 -9.73 -12.55
N PRO A 9 -0.01 -9.25 -11.58
CA PRO A 9 0.96 -8.18 -11.88
C PRO A 9 2.19 -8.69 -12.61
N GLY A 10 2.89 -7.80 -13.30
CA GLY A 10 4.08 -8.20 -14.01
C GLY A 10 4.68 -7.12 -14.87
N LEU A 11 5.60 -7.54 -15.73
CA LEU A 11 6.35 -6.65 -16.61
C LEU A 11 5.78 -6.53 -18.00
N VAL A 12 6.01 -5.35 -18.60
CA VAL A 12 5.74 -5.04 -20.00
C VAL A 12 6.98 -4.29 -20.48
N LYS A 13 7.53 -4.70 -21.62
CA LYS A 13 8.71 -4.03 -22.16
C LYS A 13 8.31 -2.69 -22.77
N PRO A 14 9.16 -1.65 -22.68
CA PRO A 14 8.79 -0.36 -23.31
C PRO A 14 8.53 -0.57 -24.81
N SER A 15 7.57 0.18 -25.38
CA SER A 15 7.08 0.14 -26.77
C SER A 15 6.09 -1.00 -27.02
N GLU A 16 6.03 -1.99 -26.10
CA GLU A 16 5.14 -3.15 -26.24
C GLU A 16 3.73 -2.88 -25.70
N THR A 17 2.85 -3.90 -25.72
CA THR A 17 1.45 -3.73 -25.31
C THR A 17 1.15 -4.36 -23.96
N LEU A 18 0.61 -3.54 -23.03
CA LEU A 18 0.14 -3.92 -21.71
C LEU A 18 -1.24 -4.58 -21.97
N SER A 19 -1.50 -5.75 -21.34
CA SER A 19 -2.78 -6.45 -21.49
C SER A 19 -3.24 -6.93 -20.12
N LEU A 20 -4.47 -6.54 -19.72
CA LEU A 20 -5.07 -6.93 -18.43
C LEU A 20 -6.47 -7.42 -18.63
N THR A 21 -6.93 -8.30 -17.72
CA THR A 21 -8.31 -8.75 -17.79
C THR A 21 -9.01 -8.49 -16.47
N CYS A 22 -10.33 -8.30 -16.53
CA CYS A 22 -11.18 -8.07 -15.37
CA CYS A 22 -11.16 -8.12 -15.35
C CYS A 22 -12.45 -8.92 -15.52
N THR A 23 -12.85 -9.63 -14.46
CA THR A 23 -14.06 -10.46 -14.45
C THR A 23 -15.00 -9.89 -13.41
N VAL A 24 -16.21 -9.48 -13.84
CA VAL A 24 -17.19 -8.84 -12.97
C VAL A 24 -18.31 -9.82 -12.61
N SER A 25 -18.44 -10.16 -11.33
CA SER A 25 -19.48 -11.10 -10.88
C SER A 25 -20.47 -10.42 -9.94
N GLY A 26 -21.74 -10.85 -9.98
CA GLY A 26 -22.74 -10.34 -9.04
C GLY A 26 -23.89 -9.53 -9.60
N PHE A 27 -23.80 -9.06 -10.86
CA PHE A 27 -24.92 -8.33 -11.45
C PHE A 27 -25.90 -9.33 -12.03
N SER A 28 -27.19 -9.22 -11.68
CA SER A 28 -28.18 -10.16 -12.23
C SER A 28 -29.46 -9.51 -12.71
N LEU A 29 -29.90 -8.44 -12.03
CA LEU A 29 -31.16 -7.74 -12.34
C LEU A 29 -31.01 -6.55 -13.26
N THR A 30 -29.77 -6.12 -13.52
CA THR A 30 -29.51 -5.01 -14.44
C THR A 30 -28.24 -5.32 -15.23
N SER A 31 -28.05 -4.56 -16.30
CA SER A 31 -26.79 -4.64 -17.01
C SER A 31 -25.78 -3.77 -16.16
N TYR A 32 -24.52 -3.67 -16.58
CA TYR A 32 -23.54 -2.88 -15.85
C TYR A 32 -22.52 -2.25 -16.81
N ILE A 33 -21.73 -1.32 -16.30
CA ILE A 33 -20.67 -0.68 -17.08
C ILE A 33 -19.35 -0.98 -16.38
N VAL A 34 -18.23 -0.91 -17.11
CA VAL A 34 -16.91 -1.16 -16.53
C VAL A 34 -16.03 0.02 -16.91
N ASP A 35 -15.52 0.71 -15.88
CA ASP A 35 -14.59 1.82 -16.00
C ASP A 35 -13.21 1.29 -15.63
N TRP A 36 -12.17 1.88 -16.21
CA TRP A 36 -10.80 1.54 -15.93
C TRP A 36 -10.08 2.79 -15.44
N ILE A 37 -9.24 2.62 -14.41
CA ILE A 37 -8.54 3.71 -13.71
C ILE A 37 -7.13 3.23 -13.40
N ARG A 38 -6.16 4.15 -13.40
CA ARG A 38 -4.81 3.77 -13.00
C ARG A 38 -4.25 4.74 -11.97
N GLN A 39 -3.24 4.27 -11.24
CA GLN A 39 -2.60 5.03 -10.19
C GLN A 39 -1.11 4.79 -10.19
N PRO A 40 -0.31 5.75 -10.71
CA PRO A 40 1.16 5.61 -10.66
C PRO A 40 1.61 5.51 -9.19
N PRO A 41 2.68 4.74 -8.88
CA PRO A 41 3.10 4.61 -7.46
C PRO A 41 3.31 5.97 -6.79
N GLY A 42 2.68 6.17 -5.64
CA GLY A 42 2.75 7.40 -4.84
C GLY A 42 2.00 8.59 -5.42
N LYS A 43 1.16 8.36 -6.46
CA LYS A 43 0.41 9.42 -7.13
C LYS A 43 -1.11 9.22 -6.99
N GLY A 44 -1.87 10.11 -7.62
CA GLY A 44 -3.33 10.09 -7.64
C GLY A 44 -3.90 9.16 -8.68
N LEU A 45 -5.19 9.32 -8.94
CA LEU A 45 -5.96 8.49 -9.85
C LEU A 45 -6.25 9.14 -11.18
N GLU A 46 -6.12 8.37 -12.26
CA GLU A 46 -6.37 8.83 -13.63
C GLU A 46 -7.39 7.88 -14.29
N TRP A 47 -8.48 8.44 -14.82
CA TRP A 47 -9.50 7.67 -15.52
C TRP A 47 -8.99 7.37 -16.94
N ILE A 48 -9.10 6.10 -17.36
CA ILE A 48 -8.62 5.59 -18.65
C ILE A 48 -9.76 5.52 -19.68
N GLY A 49 -10.84 4.88 -19.29
CA GLY A 49 -11.95 4.66 -20.20
C GLY A 49 -13.07 3.81 -19.64
N VAL A 50 -14.10 3.62 -20.45
CA VAL A 50 -15.31 2.89 -20.07
C VAL A 50 -15.75 1.97 -21.21
N ILE A 51 -16.37 0.83 -20.84
CA ILE A 51 -17.04 -0.06 -21.76
C ILE A 51 -18.50 -0.15 -21.32
N TRP A 52 -19.40 0.33 -22.17
CA TRP A 52 -20.84 0.33 -21.97
C TRP A 52 -21.42 -1.06 -22.18
N ALA A 53 -22.60 -1.33 -21.59
CA ALA A 53 -23.33 -2.61 -21.66
C ALA A 53 -23.43 -3.25 -23.05
N GLY A 54 -23.69 -2.44 -24.07
CA GLY A 54 -23.79 -2.94 -25.43
C GLY A 54 -22.47 -3.20 -26.13
N GLY A 55 -21.35 -2.86 -25.50
CA GLY A 55 -20.03 -3.08 -26.09
C GLY A 55 -19.34 -1.85 -26.66
N SER A 56 -20.06 -0.71 -26.71
CA SER A 56 -19.44 0.53 -27.18
C SER A 56 -18.49 1.04 -26.07
N THR A 57 -17.54 1.90 -26.43
CA THR A 57 -16.52 2.37 -25.52
C THR A 57 -16.31 3.88 -25.55
N GLY A 58 -15.70 4.40 -24.48
CA GLY A 58 -15.32 5.79 -24.32
C GLY A 58 -13.92 5.83 -23.75
N TYR A 59 -13.00 6.60 -24.35
CA TYR A 59 -11.61 6.64 -23.87
C TYR A 59 -11.15 8.02 -23.51
N ASN A 60 -10.21 8.11 -22.55
CA ASN A 60 -9.61 9.38 -22.19
C ASN A 60 -8.69 9.75 -23.37
N SER A 61 -8.84 10.98 -23.91
CA SER A 61 -8.00 11.45 -25.03
C SER A 61 -6.52 11.61 -24.66
N ALA A 62 -6.19 11.74 -23.35
CA ALA A 62 -4.81 11.84 -22.85
C ALA A 62 -4.01 10.57 -23.14
N LEU A 63 -4.70 9.45 -23.41
CA LEU A 63 -4.02 8.18 -23.73
C LEU A 63 -3.62 8.03 -25.20
N ARG A 64 -3.87 9.09 -26.01
CA ARG A 64 -3.50 9.25 -27.43
C ARG A 64 -3.81 8.05 -28.35
N SER A 65 -5.04 7.51 -28.26
CA SER A 65 -5.54 6.38 -29.05
C SER A 65 -4.70 5.07 -28.91
N ARG A 66 -4.01 4.91 -27.78
CA ARG A 66 -3.21 3.72 -27.50
C ARG A 66 -4.02 2.71 -26.71
N VAL A 67 -5.26 3.05 -26.37
CA VAL A 67 -6.10 2.22 -25.51
C VAL A 67 -7.26 1.50 -26.21
N SER A 68 -7.54 0.30 -25.74
CA SER A 68 -8.66 -0.51 -26.24
C SER A 68 -9.26 -1.29 -25.09
N ILE A 69 -10.61 -1.25 -24.96
CA ILE A 69 -11.33 -2.03 -23.97
C ILE A 69 -12.27 -2.95 -24.76
N THR A 70 -12.17 -4.27 -24.55
CA THR A 70 -13.00 -5.22 -25.28
C THR A 70 -13.68 -6.23 -24.35
N LYS A 71 -14.82 -6.79 -24.81
CA LYS A 71 -15.56 -7.85 -24.13
C LYS A 71 -14.95 -9.18 -24.58
N ASP A 72 -14.54 -10.03 -23.64
CA ASP A 72 -13.97 -11.35 -23.99
C ASP A 72 -15.09 -12.38 -24.22
N THR A 73 -14.73 -13.60 -24.69
CA THR A 73 -15.69 -14.69 -24.98
C THR A 73 -16.36 -15.19 -23.71
N SER A 74 -15.57 -15.29 -22.62
CA SER A 74 -15.99 -15.74 -21.31
C SER A 74 -16.93 -14.71 -20.70
N LYS A 75 -18.05 -15.18 -20.13
CA LYS A 75 -19.07 -14.35 -19.50
C LYS A 75 -18.41 -13.36 -18.52
N ASN A 76 -18.82 -12.09 -18.60
CA ASN A 76 -18.39 -11.01 -17.71
C ASN A 76 -16.88 -10.73 -17.71
N GLN A 77 -16.17 -11.14 -18.76
CA GLN A 77 -14.74 -10.91 -18.80
C GLN A 77 -14.41 -9.80 -19.79
N PHE A 78 -13.54 -8.86 -19.36
CA PHE A 78 -13.15 -7.69 -20.15
C PHE A 78 -11.66 -7.58 -20.21
N SER A 79 -11.15 -7.09 -21.34
CA SER A 79 -9.73 -6.91 -21.57
C SER A 79 -9.40 -5.44 -21.81
N LEU A 80 -8.36 -4.96 -21.14
CA LEU A 80 -7.82 -3.63 -21.35
C LEU A 80 -6.46 -3.82 -22.00
N LYS A 81 -6.21 -3.11 -23.10
CA LYS A 81 -4.92 -3.14 -23.77
C LYS A 81 -4.41 -1.73 -23.95
N LEU A 82 -3.12 -1.53 -23.68
CA LEU A 82 -2.50 -0.22 -23.87
C LEU A 82 -1.22 -0.42 -24.68
N SER A 83 -1.17 0.12 -25.91
CA SER A 83 -0.02 -0.06 -26.79
C SER A 83 1.10 0.98 -26.55
N SER A 84 2.30 0.75 -27.15
CA SER A 84 3.47 1.65 -27.12
C SER A 84 3.76 2.22 -25.73
N VAL A 85 3.85 1.34 -24.73
CA VAL A 85 4.07 1.80 -23.35
C VAL A 85 5.45 2.41 -23.07
N THR A 86 5.51 3.30 -22.07
CA THR A 86 6.73 3.92 -21.56
C THR A 86 6.61 3.87 -20.02
N ALA A 87 7.65 4.36 -19.30
CA ALA A 87 7.69 4.41 -17.83
C ALA A 87 6.47 5.17 -17.26
N ALA A 88 5.88 6.10 -18.05
CA ALA A 88 4.70 6.86 -17.66
C ALA A 88 3.47 5.94 -17.46
N ASP A 89 3.52 4.72 -18.05
CA ASP A 89 2.42 3.75 -17.95
C ASP A 89 2.54 2.79 -16.76
N THR A 90 3.68 2.85 -16.03
CA THR A 90 3.87 2.05 -14.81
C THR A 90 2.86 2.56 -13.79
N ALA A 91 1.95 1.65 -13.34
CA ALA A 91 0.88 2.01 -12.42
C ALA A 91 0.11 0.80 -11.95
N VAL A 92 -0.70 1.04 -10.91
CA VAL A 92 -1.66 0.05 -10.42
C VAL A 92 -2.91 0.32 -11.26
N TYR A 93 -3.39 -0.69 -11.99
CA TYR A 93 -4.56 -0.55 -12.86
C TYR A 93 -5.74 -1.19 -12.19
N TYR A 94 -6.90 -0.49 -12.21
CA TYR A 94 -8.13 -0.98 -11.60
C TYR A 94 -9.27 -0.96 -12.58
N CYS A 95 -10.19 -1.90 -12.40
CA CYS A 95 -11.45 -1.91 -13.11
CA CYS A 95 -11.45 -1.98 -13.10
C CYS A 95 -12.49 -1.64 -12.03
N ALA A 96 -13.55 -0.92 -12.38
CA ALA A 96 -14.59 -0.57 -11.43
C ALA A 96 -15.91 -0.64 -12.14
N SER A 97 -16.90 -1.27 -11.51
CA SER A 97 -18.20 -1.43 -12.15
C SER A 97 -19.32 -0.77 -11.37
N ALA A 98 -20.49 -0.65 -12.01
CA ALA A 98 -21.69 -0.09 -11.40
C ALA A 98 -22.91 -0.44 -12.24
N ALA A 99 -24.10 -0.41 -11.62
CA ALA A 99 -25.37 -0.73 -12.26
C ALA A 99 -25.72 0.28 -13.36
N TYR A 100 -26.23 -0.25 -14.46
CA TYR A 100 -26.71 0.52 -15.61
C TYR A 100 -28.21 0.21 -15.71
N TYR A 101 -29.06 1.16 -15.28
CA TYR A 101 -30.52 0.99 -15.28
C TYR A 101 -31.14 1.31 -16.66
N SER A 102 -30.54 2.29 -17.38
CA SER A 102 -30.87 2.78 -18.74
C SER A 102 -29.80 3.79 -19.12
N TYR A 103 -29.76 4.23 -20.42
CA TYR A 103 -28.78 5.24 -20.87
C TYR A 103 -28.90 6.55 -20.12
N TYR A 104 -30.09 6.85 -19.62
CA TYR A 104 -30.34 8.10 -18.92
C TYR A 104 -30.24 7.92 -17.42
N ASN A 105 -29.92 6.69 -16.95
CA ASN A 105 -29.82 6.40 -15.52
C ASN A 105 -28.84 5.27 -15.23
N TYR A 106 -27.61 5.66 -14.94
CA TYR A 106 -26.58 4.71 -14.61
C TYR A 106 -25.65 5.28 -13.57
N ASP A 107 -25.11 4.38 -12.76
CA ASP A 107 -24.17 4.72 -11.70
C ASP A 107 -22.77 4.50 -12.27
N GLY A 108 -21.75 4.78 -11.46
CA GLY A 108 -20.37 4.56 -11.87
C GLY A 108 -19.46 4.39 -10.67
N PHE A 109 -18.39 3.60 -10.84
CA PHE A 109 -17.33 3.47 -9.82
C PHE A 109 -17.80 2.93 -8.47
N ALA A 110 -18.87 2.13 -8.44
CA ALA A 110 -19.43 1.59 -7.20
C ALA A 110 -18.58 0.48 -6.58
N TYR A 111 -18.06 -0.43 -7.41
CA TYR A 111 -17.31 -1.61 -6.95
C TYR A 111 -15.99 -1.67 -7.69
N TRP A 112 -14.89 -1.87 -6.96
CA TRP A 112 -13.56 -1.85 -7.57
C TRP A 112 -12.83 -3.17 -7.44
N GLY A 113 -12.02 -3.49 -8.45
CA GLY A 113 -11.13 -4.65 -8.40
C GLY A 113 -9.97 -4.34 -7.46
N GLN A 114 -9.20 -5.36 -7.08
CA GLN A 114 -8.06 -5.22 -6.16
C GLN A 114 -6.92 -4.32 -6.68
N GLY A 115 -6.78 -4.24 -8.00
CA GLY A 115 -5.75 -3.44 -8.64
C GLY A 115 -4.54 -4.28 -8.94
N THR A 116 -4.00 -4.12 -10.12
CA THR A 116 -2.83 -4.87 -10.57
C THR A 116 -1.71 -3.91 -10.95
N LEU A 117 -0.54 -4.08 -10.33
CA LEU A 117 0.62 -3.25 -10.64
C LEU A 117 1.28 -3.74 -11.93
N VAL A 118 1.38 -2.87 -12.93
CA VAL A 118 2.07 -3.20 -14.18
C VAL A 118 3.32 -2.33 -14.21
N THR A 119 4.50 -2.96 -14.34
CA THR A 119 5.77 -2.23 -14.38
C THR A 119 6.32 -2.27 -15.80
N VAL A 120 6.62 -1.08 -16.35
CA VAL A 120 7.20 -0.98 -17.70
C VAL A 120 8.71 -0.98 -17.54
N SER A 121 9.36 -2.02 -18.05
CA SER A 121 10.79 -2.23 -17.92
C SER A 121 11.30 -3.22 -18.95
N SER A 122 12.56 -3.02 -19.36
CA SER A 122 13.28 -3.90 -20.29
C SER A 122 14.10 -4.94 -19.48
N ALA A 123 14.11 -4.82 -18.14
CA ALA A 123 14.84 -5.74 -17.25
C ALA A 123 14.08 -7.05 -17.11
N SER A 124 14.80 -8.13 -16.72
CA SER A 124 14.20 -9.44 -16.51
C SER A 124 13.58 -9.51 -15.10
N THR A 125 12.62 -10.42 -14.86
CA THR A 125 12.06 -10.62 -13.52
C THR A 125 13.13 -11.30 -12.66
N LYS A 126 13.11 -11.07 -11.35
CA LYS A 126 14.04 -11.75 -10.44
C LYS A 126 13.28 -12.08 -9.17
N GLY A 127 13.25 -13.35 -8.81
CA GLY A 127 12.59 -13.84 -7.60
C GLY A 127 13.36 -13.47 -6.34
N PRO A 128 12.70 -13.31 -5.18
CA PRO A 128 13.44 -12.90 -3.99
C PRO A 128 14.14 -14.01 -3.24
N SER A 129 15.12 -13.62 -2.41
CA SER A 129 15.78 -14.48 -1.44
C SER A 129 15.01 -14.12 -0.15
N VAL A 130 14.69 -15.12 0.67
CA VAL A 130 13.92 -14.84 1.89
C VAL A 130 14.78 -15.23 3.09
N PHE A 131 15.14 -14.25 3.94
CA PHE A 131 16.00 -14.50 5.10
C PHE A 131 15.26 -14.31 6.42
N PRO A 132 15.53 -15.14 7.44
CA PRO A 132 14.84 -14.93 8.72
C PRO A 132 15.35 -13.71 9.47
N LEU A 133 14.46 -13.08 10.23
CA LEU A 133 14.81 -12.01 11.16
C LEU A 133 14.54 -12.70 12.47
N ALA A 134 15.59 -13.39 12.96
CA ALA A 134 15.51 -14.26 14.13
C ALA A 134 15.24 -13.53 15.42
N PRO A 135 14.27 -14.02 16.23
CA PRO A 135 14.07 -13.39 17.55
C PRO A 135 15.21 -13.79 18.49
N SER A 136 15.47 -12.95 19.49
CA SER A 136 16.51 -13.13 20.52
C SER A 136 16.15 -12.18 21.65
N SER A 137 17.01 -12.08 22.69
CA SER A 137 16.75 -11.14 23.78
C SER A 137 16.88 -9.69 23.29
N LYS A 138 17.49 -9.48 22.08
CA LYS A 138 17.63 -8.16 21.46
C LYS A 138 16.34 -7.74 20.74
N SER A 139 15.37 -8.66 20.65
CA SER A 139 14.08 -8.37 20.02
C SER A 139 12.91 -8.79 20.92
N THR A 140 13.16 -8.96 22.22
CA THR A 140 12.16 -9.44 23.18
C THR A 140 11.85 -8.47 24.32
N SER A 141 10.69 -7.76 24.21
CA SER A 141 10.14 -6.77 25.17
C SER A 141 9.09 -7.40 26.12
N GLY A 142 9.46 -7.52 27.39
CA GLY A 142 8.68 -8.03 28.52
C GLY A 142 7.51 -8.94 28.24
N GLY A 143 7.79 -10.18 27.84
CA GLY A 143 6.76 -11.17 27.54
C GLY A 143 6.40 -11.24 26.05
N THR A 144 6.88 -10.27 25.25
CA THR A 144 6.60 -10.25 23.82
C THR A 144 7.90 -10.27 23.00
N ALA A 145 7.91 -11.06 21.93
CA ALA A 145 9.08 -11.21 21.06
C ALA A 145 8.76 -10.78 19.64
N ALA A 146 9.68 -10.05 19.00
CA ALA A 146 9.51 -9.66 17.61
C ALA A 146 10.36 -10.58 16.75
N LEU A 147 9.83 -10.97 15.61
CA LEU A 147 10.50 -11.83 14.62
C LEU A 147 10.01 -11.42 13.26
N GLY A 148 10.66 -11.90 12.21
CA GLY A 148 10.25 -11.56 10.85
C GLY A 148 11.02 -12.22 9.75
N CYS A 149 10.83 -11.68 8.54
CA CYS A 149 11.48 -12.13 7.33
CA CYS A 149 11.55 -12.14 7.37
C CYS A 149 11.94 -10.95 6.51
N LEU A 150 13.11 -11.04 5.90
CA LEU A 150 13.65 -10.01 5.01
C LEU A 150 13.54 -10.62 3.62
N VAL A 151 12.72 -10.00 2.73
CA VAL A 151 12.42 -10.44 1.36
C VAL A 151 13.28 -9.56 0.47
N LYS A 152 14.44 -10.10 0.06
CA LYS A 152 15.47 -9.31 -0.60
C LYS A 152 15.77 -9.66 -2.03
N ASP A 153 16.15 -8.61 -2.79
CA ASP A 153 16.65 -8.71 -4.17
C ASP A 153 15.67 -9.27 -5.19
N TYR A 154 14.50 -8.64 -5.30
CA TYR A 154 13.49 -9.06 -6.26
C TYR A 154 13.11 -7.94 -7.20
N PHE A 155 12.51 -8.32 -8.33
CA PHE A 155 12.05 -7.37 -9.35
C PHE A 155 11.05 -8.04 -10.29
N PRO A 156 9.93 -7.37 -10.63
CA PRO A 156 9.48 -6.06 -10.12
C PRO A 156 8.67 -6.22 -8.84
N GLU A 157 8.08 -5.13 -8.34
CA GLU A 157 7.13 -5.22 -7.24
C GLU A 157 5.83 -5.84 -7.88
N PRO A 158 4.88 -6.39 -7.11
CA PRO A 158 4.85 -6.55 -5.65
C PRO A 158 5.23 -7.95 -5.20
N VAL A 159 5.29 -8.14 -3.89
CA VAL A 159 5.43 -9.42 -3.22
C VAL A 159 4.30 -9.46 -2.21
N THR A 160 3.80 -10.65 -1.90
CA THR A 160 2.82 -10.79 -0.83
C THR A 160 3.49 -11.60 0.27
N VAL A 161 3.22 -11.25 1.54
CA VAL A 161 3.78 -11.96 2.68
C VAL A 161 2.64 -12.32 3.65
N SER A 162 2.56 -13.58 4.02
CA SER A 162 1.63 -14.04 5.05
C SER A 162 2.43 -14.78 6.08
N TRP A 163 1.81 -15.00 7.25
CA TRP A 163 2.42 -15.71 8.36
C TRP A 163 1.55 -16.90 8.69
N ASN A 164 2.19 -18.08 8.83
CA ASN A 164 1.54 -19.36 9.14
C ASN A 164 0.34 -19.64 8.22
N SER A 165 0.54 -19.43 6.89
CA SER A 165 -0.44 -19.62 5.82
C SER A 165 -1.71 -18.78 6.01
N GLY A 166 -1.56 -17.61 6.64
CA GLY A 166 -2.66 -16.69 6.92
C GLY A 166 -3.31 -16.85 8.28
N ALA A 167 -2.93 -17.88 9.05
CA ALA A 167 -3.46 -18.11 10.40
C ALA A 167 -3.00 -17.05 11.40
N LEU A 168 -1.87 -16.37 11.12
CA LEU A 168 -1.32 -15.34 11.98
C LEU A 168 -1.44 -13.99 11.33
N THR A 169 -2.25 -13.11 11.92
CA THR A 169 -2.47 -11.77 11.35
C THR A 169 -2.25 -10.66 12.37
N SER A 170 -2.59 -10.91 13.66
CA SER A 170 -2.43 -9.92 14.73
C SER A 170 -0.95 -9.61 14.97
N GLY A 171 -0.64 -8.31 15.06
CA GLY A 171 0.69 -7.80 15.31
C GLY A 171 1.63 -7.82 14.10
N VAL A 172 1.10 -8.17 12.91
CA VAL A 172 1.91 -8.23 11.70
C VAL A 172 2.11 -6.84 11.12
N HIS A 173 3.36 -6.50 10.76
CA HIS A 173 3.66 -5.26 10.04
C HIS A 173 4.47 -5.62 8.80
N THR A 174 3.90 -5.39 7.61
CA THR A 174 4.61 -5.59 6.35
C THR A 174 4.93 -4.21 5.82
N PHE A 175 6.21 -3.93 5.70
CA PHE A 175 6.72 -2.62 5.33
C PHE A 175 6.72 -2.31 3.84
N PRO A 176 6.64 -1.01 3.44
CA PRO A 176 6.82 -0.67 2.03
C PRO A 176 8.23 -1.10 1.61
N ALA A 177 8.36 -1.61 0.39
CA ALA A 177 9.66 -2.04 -0.14
C ALA A 177 10.52 -0.82 -0.42
N VAL A 178 11.84 -1.03 -0.42
CA VAL A 178 12.79 0.02 -0.79
C VAL A 178 13.51 -0.44 -2.05
N LEU A 179 13.88 0.50 -2.90
CA LEU A 179 14.60 0.20 -4.13
C LEU A 179 16.08 0.43 -3.87
N GLN A 180 16.89 -0.63 -4.02
CA GLN A 180 18.34 -0.55 -3.78
C GLN A 180 19.03 -0.03 -5.06
N SER A 181 20.32 0.36 -4.96
CA SER A 181 21.12 0.90 -6.08
C SER A 181 21.30 -0.12 -7.21
N SER A 182 21.08 -1.42 -6.90
CA SER A 182 21.16 -2.53 -7.86
C SER A 182 19.92 -2.57 -8.78
N GLY A 183 18.88 -1.83 -8.42
CA GLY A 183 17.60 -1.82 -9.15
C GLY A 183 16.68 -2.92 -8.68
N LEU A 184 17.04 -3.57 -7.55
CA LEU A 184 16.24 -4.65 -6.94
C LEU A 184 15.63 -4.14 -5.64
N TYR A 185 14.43 -4.64 -5.31
CA TYR A 185 13.67 -4.27 -4.12
C TYR A 185 14.01 -5.15 -2.93
N SER A 186 13.78 -4.60 -1.73
CA SER A 186 14.00 -5.27 -0.46
C SER A 186 12.89 -4.83 0.49
N LEU A 187 12.25 -5.81 1.14
CA LEU A 187 11.10 -5.59 2.00
C LEU A 187 11.24 -6.44 3.26
N SER A 188 10.69 -5.95 4.38
CA SER A 188 10.69 -6.71 5.63
C SER A 188 9.25 -6.87 6.12
N SER A 189 9.00 -7.97 6.79
CA SER A 189 7.70 -8.24 7.37
C SER A 189 7.99 -8.74 8.74
N VAL A 190 7.36 -8.13 9.75
CA VAL A 190 7.61 -8.49 11.15
C VAL A 190 6.32 -8.82 11.87
N VAL A 191 6.42 -9.58 12.96
CA VAL A 191 5.29 -9.93 13.82
C VAL A 191 5.75 -9.99 15.29
N THR A 192 4.92 -9.49 16.23
CA THR A 192 5.14 -9.54 17.68
C THR A 192 4.27 -10.65 18.22
N VAL A 193 4.86 -11.58 18.97
CA VAL A 193 4.15 -12.74 19.53
C VAL A 193 4.52 -12.94 21.00
N PRO A 194 3.75 -13.71 21.83
CA PRO A 194 4.22 -13.95 23.20
C PRO A 194 5.54 -14.73 23.14
N SER A 195 6.56 -14.29 23.91
CA SER A 195 7.86 -14.98 23.94
C SER A 195 7.78 -16.43 24.44
N SER A 196 6.79 -16.76 25.31
CA SER A 196 6.56 -18.12 25.81
C SER A 196 6.15 -19.09 24.68
N SER A 197 5.62 -18.54 23.56
CA SER A 197 5.18 -19.32 22.39
C SER A 197 6.34 -19.77 21.48
N LEU A 198 7.53 -19.17 21.65
CA LEU A 198 8.70 -19.45 20.80
C LEU A 198 9.26 -20.86 20.80
N GLY A 199 9.08 -21.59 21.89
CA GLY A 199 9.55 -22.96 22.01
C GLY A 199 8.49 -24.01 21.75
N THR A 200 7.23 -23.58 21.48
CA THR A 200 6.10 -24.49 21.25
C THR A 200 5.35 -24.22 19.93
N GLN A 201 5.55 -23.04 19.33
CA GLN A 201 4.89 -22.64 18.09
C GLN A 201 5.90 -22.33 16.98
N THR A 202 5.68 -22.93 15.81
CA THR A 202 6.48 -22.74 14.60
C THR A 202 5.99 -21.47 13.89
N TYR A 203 6.94 -20.59 13.52
CA TYR A 203 6.62 -19.36 12.80
C TYR A 203 7.25 -19.43 11.43
N ILE A 204 6.40 -19.37 10.40
CA ILE A 204 6.80 -19.45 8.99
C ILE A 204 6.24 -18.26 8.21
N CYS A 205 7.11 -17.60 7.43
CA CYS A 205 6.67 -16.52 6.56
CA CYS A 205 6.71 -16.51 6.55
C CYS A 205 6.50 -17.08 5.14
N ASN A 206 5.33 -16.81 4.53
CA ASN A 206 5.00 -17.31 3.19
C ASN A 206 5.08 -16.16 2.22
N VAL A 207 6.05 -16.24 1.31
CA VAL A 207 6.35 -15.20 0.35
C VAL A 207 5.96 -15.63 -1.06
N ASN A 208 5.18 -14.78 -1.74
CA ASN A 208 4.76 -15.03 -3.13
C ASN A 208 5.14 -13.84 -3.98
N HIS A 209 5.91 -14.10 -5.03
CA HIS A 209 6.30 -13.08 -6.00
C HIS A 209 5.70 -13.55 -7.34
N LYS A 210 4.44 -13.17 -7.59
CA LYS A 210 3.68 -13.53 -8.80
C LYS A 210 4.43 -13.22 -10.12
N PRO A 211 5.12 -12.06 -10.31
CA PRO A 211 5.82 -11.84 -11.58
C PRO A 211 6.87 -12.89 -11.99
N SER A 212 7.53 -13.53 -11.02
CA SER A 212 8.55 -14.56 -11.31
C SER A 212 8.09 -15.99 -10.99
N ASN A 213 6.81 -16.16 -10.58
CA ASN A 213 6.22 -17.44 -10.17
C ASN A 213 7.05 -18.09 -9.04
N THR A 214 7.51 -17.26 -8.10
CA THR A 214 8.31 -17.69 -6.96
C THR A 214 7.45 -17.68 -5.70
N LYS A 215 7.50 -18.79 -4.97
CA LYS A 215 6.82 -19.01 -3.71
C LYS A 215 7.86 -19.62 -2.75
N VAL A 216 8.12 -18.93 -1.63
CA VAL A 216 9.10 -19.36 -0.63
C VAL A 216 8.45 -19.37 0.76
N ASP A 217 8.63 -20.46 1.50
CA ASP A 217 8.17 -20.58 2.88
C ASP A 217 9.43 -20.68 3.74
N LYS A 218 9.59 -19.77 4.70
CA LYS A 218 10.77 -19.76 5.56
C LYS A 218 10.43 -19.85 7.03
N LYS A 219 10.95 -20.88 7.71
CA LYS A 219 10.77 -21.07 9.14
C LYS A 219 11.73 -20.12 9.85
N VAL A 220 11.22 -19.35 10.81
CA VAL A 220 12.00 -18.37 11.58
C VAL A 220 12.33 -18.96 12.95
N GLU A 221 13.57 -19.42 13.09
CA GLU A 221 14.05 -20.05 14.31
C GLU A 221 14.65 -19.06 15.29
N PRO A 222 14.32 -19.17 16.60
CA PRO A 222 14.90 -18.24 17.56
C PRO A 222 16.39 -18.44 17.82
N LYS A 223 17.09 -17.35 18.19
CA LYS A 223 18.50 -17.41 18.63
C LYS A 223 18.48 -17.88 20.09
N SER A 224 19.63 -18.34 20.63
CA SER A 224 19.74 -18.87 22.00
C SER A 224 19.96 -17.81 23.08
N CYS A 225 20.57 -16.65 22.72
CA CYS A 225 20.87 -15.63 23.72
CA CYS A 225 20.94 -15.56 23.63
C CYS A 225 19.90 -14.46 23.73
N ASP B 1 -10.24 19.87 -19.91
CA ASP B 1 -10.70 18.94 -18.89
C ASP B 1 -11.03 19.66 -17.59
N VAL B 2 -11.99 19.12 -16.83
CA VAL B 2 -12.40 19.70 -15.55
C VAL B 2 -11.34 19.41 -14.48
N VAL B 3 -10.83 20.48 -13.85
CA VAL B 3 -9.81 20.37 -12.80
C VAL B 3 -10.54 20.26 -11.46
N MET B 4 -10.15 19.28 -10.65
CA MET B 4 -10.73 19.01 -9.32
C MET B 4 -9.65 19.31 -8.30
N THR B 5 -9.87 20.36 -7.49
CA THR B 5 -8.93 20.78 -6.46
C THR B 5 -9.42 20.42 -5.07
N GLN B 6 -8.65 19.58 -4.38
CA GLN B 6 -8.92 19.14 -3.02
C GLN B 6 -8.11 19.92 -2.02
N SER B 7 -8.75 20.26 -0.91
CA SER B 7 -8.13 21.00 0.17
C SER B 7 -8.61 20.50 1.52
N PRO B 8 -7.72 20.28 2.50
CA PRO B 8 -6.25 20.43 2.44
C PRO B 8 -5.58 19.15 1.87
N LEU B 9 -4.25 19.18 1.66
CA LEU B 9 -3.54 17.98 1.19
C LEU B 9 -3.40 16.98 2.34
N SER B 10 -3.18 17.49 3.56
CA SER B 10 -3.02 16.68 4.76
C SER B 10 -3.98 17.19 5.82
N LEU B 11 -4.69 16.28 6.49
CA LEU B 11 -5.66 16.66 7.50
C LEU B 11 -5.43 15.94 8.84
N PRO B 12 -4.54 16.49 9.72
CA PRO B 12 -4.38 15.91 11.06
C PRO B 12 -5.58 16.31 11.91
N VAL B 13 -6.20 15.35 12.60
CA VAL B 13 -7.39 15.60 13.41
C VAL B 13 -7.38 14.74 14.69
N THR B 14 -7.77 15.35 15.83
CA THR B 14 -7.87 14.70 17.13
C THR B 14 -9.07 13.73 17.11
N LEU B 15 -8.90 12.52 17.68
CA LEU B 15 -9.95 11.50 17.78
C LEU B 15 -11.20 12.08 18.42
N GLY B 16 -12.33 11.89 17.75
CA GLY B 16 -13.62 12.41 18.21
C GLY B 16 -13.98 13.81 17.73
N GLN B 17 -13.04 14.48 17.05
CA GLN B 17 -13.25 15.84 16.55
C GLN B 17 -13.74 15.82 15.09
N PRO B 18 -14.46 16.87 14.63
CA PRO B 18 -14.90 16.88 13.22
C PRO B 18 -13.78 17.16 12.23
N ALA B 19 -14.00 16.72 10.98
CA ALA B 19 -13.09 16.97 9.86
C ALA B 19 -13.90 17.40 8.67
N SER B 20 -13.35 18.29 7.88
CA SER B 20 -14.01 18.82 6.70
C SER B 20 -13.01 18.84 5.55
N ILE B 21 -13.41 18.27 4.40
CA ILE B 21 -12.57 18.20 3.19
C ILE B 21 -13.29 18.93 2.07
N SER B 22 -12.58 19.86 1.43
CA SER B 22 -13.12 20.64 0.33
C SER B 22 -12.71 20.06 -1.03
N CYS B 23 -13.64 20.13 -1.99
CA CYS B 23 -13.45 19.71 -3.37
CA CYS B 23 -13.49 19.69 -3.37
C CYS B 23 -14.07 20.78 -4.26
N LYS B 24 -13.24 21.41 -5.09
CA LYS B 24 -13.68 22.48 -5.98
C LYS B 24 -13.41 22.13 -7.44
N SER B 25 -14.40 22.33 -8.31
CA SER B 25 -14.26 22.02 -9.73
C SER B 25 -14.10 23.28 -10.56
N SER B 26 -13.37 23.18 -11.70
CA SER B 26 -13.14 24.34 -12.59
C SER B 26 -14.38 24.67 -13.43
N GLN B 27 -15.37 23.75 -13.47
CA GLN B 27 -16.63 23.89 -14.20
C GLN B 27 -17.75 23.32 -13.35
N SER B 28 -19.00 23.79 -13.57
CA SER B 28 -20.17 23.28 -12.85
C SER B 28 -20.32 21.78 -13.09
N LEU B 29 -20.64 21.03 -12.01
CA LEU B 29 -20.83 19.58 -12.12
C LEU B 29 -22.29 19.19 -12.28
N LEU B 30 -23.17 20.20 -12.43
CA LEU B 30 -24.59 19.97 -12.65
C LEU B 30 -24.78 19.50 -14.09
N TYR B 31 -25.33 18.30 -14.25
CA TYR B 31 -25.61 17.73 -15.57
C TYR B 31 -26.99 18.17 -16.07
N THR B 32 -27.28 17.94 -17.36
CA THR B 32 -28.55 18.31 -18.01
C THR B 32 -29.77 17.55 -17.47
N ASP B 33 -29.56 16.42 -16.76
CA ASP B 33 -30.64 15.64 -16.19
C ASP B 33 -31.03 16.10 -14.77
N GLY B 34 -30.38 17.17 -14.28
CA GLY B 34 -30.60 17.73 -12.95
C GLY B 34 -29.74 17.13 -11.85
N LYS B 35 -28.94 16.10 -12.19
CA LYS B 35 -28.06 15.40 -11.23
C LYS B 35 -26.63 15.91 -11.26
N THR B 36 -25.94 15.81 -10.11
CA THR B 36 -24.54 16.27 -9.98
C THR B 36 -23.70 15.04 -9.69
N TYR B 37 -22.91 14.61 -10.68
CA TYR B 37 -22.12 13.39 -10.59
C TYR B 37 -20.80 13.61 -9.87
N LEU B 38 -20.90 13.79 -8.55
CA LEU B 38 -19.73 14.02 -7.68
C LEU B 38 -19.69 12.85 -6.68
N TYR B 39 -18.53 12.20 -6.57
CA TYR B 39 -18.34 11.03 -5.71
C TYR B 39 -17.20 11.28 -4.74
N TRP B 40 -17.19 10.52 -3.63
CA TRP B 40 -16.09 10.51 -2.66
C TRP B 40 -15.67 9.08 -2.40
N PHE B 41 -14.35 8.86 -2.31
CA PHE B 41 -13.76 7.54 -2.04
C PHE B 41 -12.77 7.64 -0.92
N LEU B 42 -12.56 6.52 -0.23
CA LEU B 42 -11.52 6.38 0.78
C LEU B 42 -10.58 5.27 0.31
N GLN B 43 -9.28 5.55 0.29
CA GLN B 43 -8.28 4.55 -0.06
C GLN B 43 -7.31 4.35 1.07
N ARG B 44 -7.20 3.10 1.53
CA ARG B 44 -6.27 2.63 2.57
C ARG B 44 -4.97 2.15 1.90
N PRO B 45 -3.82 2.09 2.64
CA PRO B 45 -2.56 1.63 2.01
C PRO B 45 -2.62 0.24 1.44
N GLY B 46 -2.09 0.10 0.21
CA GLY B 46 -2.05 -1.15 -0.53
C GLY B 46 -3.41 -1.72 -0.89
N GLN B 47 -4.44 -0.86 -0.87
CA GLN B 47 -5.80 -1.27 -1.15
C GLN B 47 -6.40 -0.36 -2.19
N SER B 48 -7.46 -0.84 -2.81
CA SER B 48 -8.19 -0.11 -3.84
CA SER B 48 -8.20 -0.11 -3.83
C SER B 48 -9.05 0.98 -3.20
N PRO B 49 -9.37 2.09 -3.94
CA PRO B 49 -10.29 3.07 -3.39
C PRO B 49 -11.66 2.39 -3.14
N ARG B 50 -12.36 2.82 -2.09
CA ARG B 50 -13.68 2.29 -1.76
C ARG B 50 -14.65 3.46 -1.76
N ARG B 51 -15.80 3.33 -2.43
CA ARG B 51 -16.75 4.44 -2.52
C ARG B 51 -17.48 4.67 -1.22
N LEU B 52 -17.63 5.94 -0.86
CA LEU B 52 -18.35 6.34 0.34
C LEU B 52 -19.63 7.05 -0.04
N ILE B 53 -19.53 8.00 -1.00
CA ILE B 53 -20.63 8.87 -1.41
C ILE B 53 -20.71 8.96 -2.92
N TYR B 54 -21.95 9.07 -3.46
CA TYR B 54 -22.22 9.28 -4.89
C TYR B 54 -23.31 10.33 -4.95
N LEU B 55 -23.49 11.00 -6.11
CA LEU B 55 -24.50 12.04 -6.28
C LEU B 55 -24.45 13.10 -5.15
N VAL B 56 -23.21 13.56 -4.79
CA VAL B 56 -22.93 14.62 -3.82
C VAL B 56 -23.09 14.24 -2.36
N SER B 57 -24.28 13.72 -1.99
CA SER B 57 -24.68 13.50 -0.60
C SER B 57 -25.22 12.10 -0.27
N LYS B 58 -25.30 11.19 -1.26
CA LYS B 58 -25.85 9.86 -1.03
C LYS B 58 -24.78 8.92 -0.50
N LEU B 59 -25.04 8.33 0.67
CA LEU B 59 -24.10 7.41 1.27
C LEU B 59 -24.25 6.03 0.69
N ASP B 60 -23.12 5.35 0.43
CA ASP B 60 -23.13 3.98 -0.05
C ASP B 60 -23.50 3.06 1.11
N SER B 61 -23.87 1.81 0.80
CA SER B 61 -24.23 0.81 1.81
C SER B 61 -23.08 0.58 2.81
N GLY B 62 -23.43 0.51 4.09
CA GLY B 62 -22.47 0.27 5.16
C GLY B 62 -21.68 1.48 5.60
N VAL B 63 -21.88 2.66 4.96
CA VAL B 63 -21.15 3.88 5.34
C VAL B 63 -21.88 4.52 6.54
N PRO B 64 -21.19 4.66 7.70
CA PRO B 64 -21.85 5.24 8.89
C PRO B 64 -22.22 6.71 8.69
N ASP B 65 -23.29 7.16 9.37
CA ASP B 65 -23.82 8.52 9.22
C ASP B 65 -22.99 9.67 9.78
N ARG B 66 -21.81 9.37 10.39
CA ARG B 66 -20.87 10.43 10.77
C ARG B 66 -20.30 11.06 9.46
N PHE B 67 -20.34 10.31 8.33
CA PHE B 67 -19.91 10.80 7.02
C PHE B 67 -21.07 11.52 6.32
N SER B 68 -20.81 12.70 5.75
CA SER B 68 -21.83 13.42 4.99
C SER B 68 -21.19 14.19 3.85
N GLY B 69 -21.95 14.42 2.80
CA GLY B 69 -21.51 15.16 1.63
C GLY B 69 -22.47 16.28 1.33
N SER B 70 -21.95 17.44 0.92
CA SER B 70 -22.79 18.57 0.55
C SER B 70 -22.13 19.38 -0.54
N GLY B 71 -22.85 20.36 -1.06
CA GLY B 71 -22.37 21.25 -2.09
C GLY B 71 -23.22 21.23 -3.33
N SER B 72 -22.86 22.11 -4.28
CA SER B 72 -23.54 22.26 -5.56
C SER B 72 -22.66 23.07 -6.50
N GLY B 73 -22.92 22.97 -7.80
CA GLY B 73 -22.18 23.70 -8.82
C GLY B 73 -20.73 23.32 -8.88
N THR B 74 -19.86 24.15 -8.25
CA THR B 74 -18.42 23.95 -8.24
C THR B 74 -17.80 23.71 -6.85
N ASP B 75 -18.56 23.91 -5.76
CA ASP B 75 -18.04 23.79 -4.39
C ASP B 75 -18.68 22.62 -3.65
N PHE B 76 -17.85 21.66 -3.18
CA PHE B 76 -18.31 20.44 -2.52
C PHE B 76 -17.52 20.15 -1.26
N THR B 77 -18.16 19.51 -0.27
CA THR B 77 -17.54 19.23 1.01
C THR B 77 -17.89 17.84 1.54
N LEU B 78 -16.86 17.11 2.01
CA LEU B 78 -17.03 15.86 2.71
C LEU B 78 -16.81 16.20 4.19
N LYS B 79 -17.76 15.83 5.04
CA LYS B 79 -17.66 16.05 6.47
C LYS B 79 -17.71 14.74 7.24
N ILE B 80 -16.91 14.68 8.31
CA ILE B 80 -16.88 13.58 9.30
C ILE B 80 -17.16 14.30 10.62
N SER B 81 -18.34 14.07 11.19
CA SER B 81 -18.80 14.74 12.41
C SER B 81 -17.91 14.46 13.62
N ARG B 82 -17.46 13.21 13.77
CA ARG B 82 -16.64 12.75 14.89
C ARG B 82 -15.70 11.72 14.30
N VAL B 83 -14.43 12.09 14.07
CA VAL B 83 -13.45 11.20 13.44
C VAL B 83 -13.10 10.01 14.36
N GLU B 84 -13.01 8.80 13.77
CA GLU B 84 -12.67 7.56 14.46
C GLU B 84 -11.32 7.08 13.95
N ALA B 85 -10.65 6.21 14.69
CA ALA B 85 -9.33 5.69 14.33
C ALA B 85 -9.31 5.07 12.93
N GLU B 86 -10.38 4.34 12.56
CA GLU B 86 -10.51 3.66 11.24
C GLU B 86 -10.74 4.59 10.06
N ASP B 87 -10.95 5.90 10.30
CA ASP B 87 -11.19 6.88 9.23
C ASP B 87 -9.94 7.37 8.52
N VAL B 88 -8.76 6.92 8.98
CA VAL B 88 -7.48 7.32 8.39
C VAL B 88 -7.34 6.77 6.98
N GLY B 89 -6.65 7.52 6.15
CA GLY B 89 -6.43 7.13 4.76
C GLY B 89 -6.53 8.33 3.85
N VAL B 90 -6.54 8.08 2.55
CA VAL B 90 -6.59 9.13 1.54
C VAL B 90 -8.00 9.20 0.95
N TYR B 91 -8.61 10.37 1.06
CA TYR B 91 -9.92 10.64 0.51
C TYR B 91 -9.77 11.31 -0.83
N TYR B 92 -10.54 10.87 -1.83
CA TYR B 92 -10.52 11.43 -3.18
C TYR B 92 -11.90 11.78 -3.61
N CYS B 93 -12.04 12.92 -4.30
CA CYS B 93 -13.32 13.26 -4.91
CA CYS B 93 -13.30 13.34 -4.92
C CYS B 93 -13.19 12.95 -6.41
N LEU B 94 -14.32 12.81 -7.11
CA LEU B 94 -14.33 12.47 -8.53
C LEU B 94 -15.54 13.09 -9.17
N GLN B 95 -15.39 13.57 -10.41
CA GLN B 95 -16.52 14.06 -11.19
C GLN B 95 -16.67 13.18 -12.42
N SER B 96 -17.92 12.85 -12.78
CA SER B 96 -18.18 12.10 -14.01
C SER B 96 -19.21 12.82 -14.88
N THR B 97 -19.61 14.06 -14.50
CA THR B 97 -20.55 14.87 -15.30
C THR B 97 -19.91 15.16 -16.68
N HIS B 98 -18.59 15.44 -16.69
CA HIS B 98 -17.84 15.79 -17.90
C HIS B 98 -16.89 14.68 -18.32
N PHE B 99 -16.62 14.62 -19.60
CA PHE B 99 -15.73 13.65 -20.23
C PHE B 99 -14.44 14.40 -20.65
N PRO B 100 -13.22 13.98 -20.22
CA PRO B 100 -12.93 12.79 -19.39
C PRO B 100 -13.25 12.99 -17.91
N HIS B 101 -13.57 11.90 -17.22
CA HIS B 101 -13.85 11.94 -15.79
C HIS B 101 -12.52 12.23 -15.09
N THR B 102 -12.56 13.09 -14.07
CA THR B 102 -11.34 13.52 -13.38
C THR B 102 -11.47 13.44 -11.87
N PHE B 103 -10.34 13.12 -11.21
CA PHE B 103 -10.26 13.00 -9.77
C PHE B 103 -9.54 14.19 -9.15
N GLY B 104 -9.85 14.45 -7.88
CA GLY B 104 -9.13 15.41 -7.06
C GLY B 104 -7.82 14.75 -6.67
N GLY B 105 -6.86 15.55 -6.20
CA GLY B 105 -5.53 15.07 -5.85
C GLY B 105 -5.40 14.26 -4.58
N GLY B 106 -6.47 14.22 -3.78
CA GLY B 106 -6.49 13.46 -2.54
C GLY B 106 -6.18 14.25 -1.28
N THR B 107 -6.75 13.82 -0.15
CA THR B 107 -6.55 14.43 1.18
C THR B 107 -6.26 13.31 2.15
N LYS B 108 -5.08 13.35 2.78
CA LYS B 108 -4.72 12.31 3.75
C LYS B 108 -5.19 12.68 5.15
N VAL B 109 -6.11 11.89 5.72
CA VAL B 109 -6.60 12.11 7.08
C VAL B 109 -5.70 11.35 8.05
N GLU B 110 -5.21 12.06 9.07
CA GLU B 110 -4.33 11.51 10.11
C GLU B 110 -4.92 11.74 11.48
N ILE B 111 -4.78 10.77 12.39
CA ILE B 111 -5.26 10.92 13.77
C ILE B 111 -4.14 11.52 14.63
N LYS B 112 -4.47 12.58 15.36
CA LYS B 112 -3.55 13.19 16.32
C LYS B 112 -3.87 12.50 17.65
N ARG B 113 -3.02 11.53 18.05
CA ARG B 113 -3.20 10.79 19.29
C ARG B 113 -2.11 11.16 20.31
N THR B 114 -2.14 10.53 21.49
CA THR B 114 -1.13 10.79 22.52
C THR B 114 0.22 10.25 22.07
N VAL B 115 1.30 10.85 22.60
CA VAL B 115 2.66 10.44 22.30
C VAL B 115 2.86 8.99 22.78
N ALA B 116 3.44 8.15 21.91
CA ALA B 116 3.75 6.76 22.18
C ALA B 116 5.19 6.52 21.76
N ALA B 117 6.04 6.16 22.72
CA ALA B 117 7.45 5.87 22.45
C ALA B 117 7.56 4.57 21.64
N PRO B 118 8.49 4.44 20.69
CA PRO B 118 8.59 3.16 19.97
C PRO B 118 9.28 2.07 20.78
N SER B 119 8.90 0.82 20.52
CA SER B 119 9.54 -0.36 21.10
C SER B 119 10.60 -0.67 20.05
N VAL B 120 11.86 -0.71 20.46
CA VAL B 120 12.98 -0.88 19.54
C VAL B 120 13.54 -2.29 19.59
N PHE B 121 13.66 -2.91 18.41
CA PHE B 121 14.15 -4.27 18.24
C PHE B 121 15.26 -4.34 17.20
N ILE B 122 16.24 -5.22 17.40
CA ILE B 122 17.32 -5.38 16.42
C ILE B 122 17.43 -6.84 15.99
N PHE B 123 17.80 -7.09 14.74
CA PHE B 123 17.93 -8.45 14.19
C PHE B 123 19.28 -8.62 13.52
N PRO B 124 20.06 -9.66 13.87
CA PRO B 124 21.34 -9.87 13.18
C PRO B 124 21.13 -10.46 11.79
N PRO B 125 22.14 -10.45 10.90
CA PRO B 125 21.98 -11.13 9.60
C PRO B 125 21.88 -12.63 9.83
N SER B 126 21.22 -13.33 8.90
CA SER B 126 21.07 -14.78 8.93
C SER B 126 22.34 -15.43 8.40
N ASP B 127 22.59 -16.69 8.78
CA ASP B 127 23.72 -17.44 8.27
C ASP B 127 23.52 -17.72 6.78
N GLU B 128 22.25 -17.90 6.34
CA GLU B 128 21.88 -18.11 4.93
C GLU B 128 22.39 -16.94 4.07
N GLN B 129 22.15 -15.69 4.51
CA GLN B 129 22.61 -14.50 3.78
C GLN B 129 24.12 -14.36 3.83
N LEU B 130 24.71 -14.61 5.01
CA LEU B 130 26.17 -14.53 5.19
C LEU B 130 26.91 -15.45 4.23
N LYS B 131 26.34 -16.64 3.91
CA LYS B 131 26.88 -17.59 2.93
C LYS B 131 26.96 -17.00 1.51
N SER B 132 26.12 -15.98 1.20
CA SER B 132 26.08 -15.32 -0.10
C SER B 132 27.03 -14.11 -0.26
N GLY B 133 27.69 -13.70 0.82
CA GLY B 133 28.65 -12.60 0.80
C GLY B 133 28.15 -11.23 1.24
N THR B 134 26.91 -11.16 1.72
CA THR B 134 26.29 -9.91 2.17
C THR B 134 25.72 -10.07 3.59
N ALA B 135 25.62 -8.96 4.34
CA ALA B 135 25.08 -8.94 5.69
C ALA B 135 24.14 -7.77 5.87
N SER B 136 22.85 -8.08 6.09
CA SER B 136 21.84 -7.07 6.34
C SER B 136 21.45 -7.13 7.80
N VAL B 137 21.46 -5.98 8.46
CA VAL B 137 21.10 -5.81 9.87
C VAL B 137 19.81 -5.00 9.88
N VAL B 138 18.82 -5.44 10.64
CA VAL B 138 17.53 -4.76 10.65
C VAL B 138 17.18 -4.23 12.02
N CYS B 139 16.70 -2.97 12.05
CA CYS B 139 16.23 -2.29 13.25
CA CYS B 139 16.23 -2.33 13.27
C CYS B 139 14.75 -1.99 13.09
N LEU B 140 13.93 -2.39 14.06
CA LEU B 140 12.49 -2.17 14.02
C LEU B 140 12.07 -1.23 15.15
N LEU B 141 11.29 -0.19 14.80
CA LEU B 141 10.71 0.79 15.73
C LEU B 141 9.23 0.47 15.64
N ASN B 142 8.69 -0.10 16.71
CA ASN B 142 7.30 -0.54 16.66
C ASN B 142 6.31 0.32 17.39
N ASN B 143 5.15 0.59 16.72
CA ASN B 143 3.99 1.27 17.29
C ASN B 143 4.24 2.60 18.00
N PHE B 144 4.79 3.58 17.28
CA PHE B 144 5.08 4.90 17.84
C PHE B 144 4.21 6.01 17.28
N TYR B 145 4.16 7.13 18.00
CA TYR B 145 3.46 8.35 17.60
C TYR B 145 4.11 9.53 18.31
N PRO B 146 4.44 10.68 17.65
CA PRO B 146 4.23 11.02 16.22
C PRO B 146 5.10 10.26 15.21
N ARG B 147 4.89 10.49 13.91
CA ARG B 147 5.63 9.85 12.81
C ARG B 147 7.12 10.13 12.79
N GLU B 148 7.53 11.36 13.20
CA GLU B 148 8.93 11.79 13.20
C GLU B 148 9.78 10.94 14.13
N ALA B 149 10.81 10.29 13.57
CA ALA B 149 11.75 9.44 14.30
C ALA B 149 13.08 9.47 13.59
N LYS B 150 14.17 9.48 14.35
CA LYS B 150 15.52 9.50 13.79
C LYS B 150 16.23 8.19 14.14
N VAL B 151 16.69 7.47 13.11
CA VAL B 151 17.43 6.22 13.28
C VAL B 151 18.86 6.47 12.82
N GLN B 152 19.82 6.12 13.68
CA GLN B 152 21.24 6.21 13.40
C GLN B 152 21.88 4.86 13.61
N TRP B 153 22.62 4.39 12.62
CA TRP B 153 23.34 3.12 12.70
C TRP B 153 24.77 3.37 13.18
N LYS B 154 25.25 2.55 14.12
CA LYS B 154 26.62 2.65 14.64
C LYS B 154 27.25 1.26 14.61
N VAL B 155 28.47 1.19 14.05
CA VAL B 155 29.23 -0.05 13.93
C VAL B 155 30.52 0.24 14.68
N ASP B 156 30.70 -0.42 15.86
CA ASP B 156 31.81 -0.19 16.79
C ASP B 156 31.87 1.32 17.15
N ASN B 157 30.68 1.91 17.44
CA ASN B 157 30.46 3.32 17.80
C ASN B 157 30.68 4.34 16.68
N ALA B 158 31.05 3.89 15.47
CA ALA B 158 31.26 4.78 14.31
C ALA B 158 29.95 4.94 13.55
N LEU B 159 29.45 6.19 13.48
CA LEU B 159 28.21 6.56 12.80
C LEU B 159 28.26 6.20 11.31
N GLN B 160 27.26 5.45 10.84
CA GLN B 160 27.16 4.98 9.46
C GLN B 160 26.43 5.96 8.57
N SER B 161 26.86 6.05 7.31
CA SER B 161 26.28 6.94 6.31
C SER B 161 26.30 6.30 4.92
N GLY B 162 25.17 6.36 4.21
CA GLY B 162 25.02 5.86 2.86
C GLY B 162 24.96 4.36 2.64
N ASN B 163 24.74 3.59 3.72
CA ASN B 163 24.65 2.12 3.62
C ASN B 163 23.40 1.58 4.32
N SER B 164 22.40 2.46 4.52
CA SER B 164 21.14 2.06 5.11
C SER B 164 19.94 2.62 4.36
N GLN B 165 18.78 1.96 4.48
CA GLN B 165 17.51 2.37 3.89
C GLN B 165 16.42 2.08 4.87
N GLU B 166 15.35 2.88 4.85
CA GLU B 166 14.23 2.69 5.74
C GLU B 166 12.89 2.97 5.07
N SER B 167 11.83 2.45 5.68
CA SER B 167 10.45 2.70 5.27
C SER B 167 9.55 2.68 6.49
N VAL B 168 8.42 3.38 6.39
CA VAL B 168 7.48 3.58 7.48
C VAL B 168 6.10 3.11 7.02
N THR B 169 5.37 2.38 7.86
CA THR B 169 4.01 1.96 7.53
C THR B 169 3.09 3.20 7.58
N GLU B 170 1.91 3.08 6.98
CA GLU B 170 0.93 4.14 7.09
C GLU B 170 0.30 4.00 8.49
N GLN B 171 -0.35 5.06 8.98
CA GLN B 171 -0.95 5.08 10.30
C GLN B 171 -1.93 3.91 10.51
N ASP B 172 -1.77 3.16 11.61
CA ASP B 172 -2.61 2.01 11.95
C ASP B 172 -4.06 2.42 12.16
N SER B 173 -5.00 1.69 11.54
CA SER B 173 -6.44 2.00 11.62
C SER B 173 -7.09 1.69 12.98
N LYS B 174 -6.35 1.02 13.88
CA LYS B 174 -6.85 0.67 15.21
C LYS B 174 -6.20 1.50 16.33
N ASP B 175 -4.86 1.51 16.39
CA ASP B 175 -4.15 2.24 17.45
C ASP B 175 -3.56 3.59 17.05
N SER B 176 -3.66 3.98 15.76
CA SER B 176 -3.19 5.29 15.25
C SER B 176 -1.67 5.50 15.35
N THR B 177 -0.91 4.40 15.35
CA THR B 177 0.55 4.48 15.43
C THR B 177 1.22 4.17 14.08
N TYR B 178 2.53 4.38 14.03
CA TYR B 178 3.38 4.09 12.88
C TYR B 178 4.42 3.09 13.33
N SER B 179 5.01 2.36 12.38
CA SER B 179 6.13 1.46 12.63
C SER B 179 7.16 1.75 11.56
N LEU B 180 8.43 1.51 11.86
CA LEU B 180 9.53 1.81 10.95
C LEU B 180 10.53 0.68 10.95
N SER B 181 11.00 0.32 9.76
CA SER B 181 12.00 -0.72 9.55
CA SER B 181 12.01 -0.70 9.58
C SER B 181 13.18 -0.07 8.84
N SER B 182 14.39 -0.32 9.34
CA SER B 182 15.61 0.22 8.73
C SER B 182 16.56 -0.94 8.52
N THR B 183 17.15 -1.02 7.33
CA THR B 183 18.12 -2.06 6.97
C THR B 183 19.50 -1.46 6.72
N LEU B 184 20.51 -1.99 7.42
CA LEU B 184 21.92 -1.61 7.23
C LEU B 184 22.53 -2.74 6.41
N THR B 185 23.15 -2.41 5.29
CA THR B 185 23.75 -3.43 4.42
C THR B 185 25.25 -3.24 4.29
N LEU B 186 25.98 -4.28 4.64
CA LEU B 186 27.43 -4.32 4.57
C LEU B 186 27.81 -5.59 3.81
N SER B 187 29.06 -5.66 3.35
CA SER B 187 29.58 -6.88 2.74
C SER B 187 29.86 -7.83 3.93
N LYS B 188 30.00 -9.14 3.67
CA LYS B 188 30.31 -10.13 4.72
C LYS B 188 31.68 -9.80 5.35
N ALA B 189 32.67 -9.36 4.55
CA ALA B 189 34.03 -9.01 5.03
C ALA B 189 33.97 -7.88 6.07
N ASP B 190 33.28 -6.76 5.77
CA ASP B 190 33.12 -5.63 6.70
C ASP B 190 32.34 -6.08 7.94
N TYR B 191 31.27 -6.88 7.75
CA TYR B 191 30.48 -7.40 8.88
C TYR B 191 31.34 -8.24 9.83
N GLU B 192 32.16 -9.15 9.28
CA GLU B 192 33.04 -10.02 10.08
C GLU B 192 34.22 -9.29 10.74
N LYS B 193 34.54 -8.06 10.27
CA LYS B 193 35.63 -7.21 10.79
C LYS B 193 35.20 -6.37 11.99
N HIS B 194 33.90 -6.30 12.28
CA HIS B 194 33.38 -5.49 13.37
C HIS B 194 32.64 -6.29 14.42
N LYS B 195 32.49 -5.72 15.63
CA LYS B 195 31.87 -6.43 16.75
C LYS B 195 30.48 -5.96 17.16
N VAL B 196 30.33 -4.66 17.44
CA VAL B 196 29.07 -4.11 17.96
C VAL B 196 28.26 -3.45 16.85
N TYR B 197 26.98 -3.83 16.75
CA TYR B 197 26.04 -3.30 15.76
C TYR B 197 24.90 -2.67 16.52
N ALA B 198 24.71 -1.36 16.34
CA ALA B 198 23.72 -0.63 17.10
C ALA B 198 22.84 0.30 16.29
N CYS B 199 21.58 0.39 16.70
CA CYS B 199 20.56 1.25 16.13
CA CYS B 199 20.68 1.35 16.11
C CYS B 199 20.20 2.30 17.20
N GLU B 200 20.51 3.59 16.97
CA GLU B 200 20.20 4.67 17.91
C GLU B 200 18.96 5.39 17.47
N VAL B 201 17.96 5.41 18.36
CA VAL B 201 16.63 5.95 18.08
C VAL B 201 16.34 7.20 18.88
N THR B 202 15.95 8.27 18.18
CA THR B 202 15.52 9.55 18.74
C THR B 202 14.04 9.72 18.38
N HIS B 203 13.20 9.97 19.38
CA HIS B 203 11.76 10.15 19.23
C HIS B 203 11.26 11.00 20.40
N GLN B 204 10.14 11.72 20.20
CA GLN B 204 9.49 12.59 21.20
C GLN B 204 9.10 11.85 22.49
N GLY B 205 8.71 10.58 22.35
CA GLY B 205 8.32 9.74 23.48
C GLY B 205 9.49 9.25 24.32
N LEU B 206 10.73 9.54 23.87
CA LEU B 206 11.95 9.13 24.58
C LEU B 206 12.67 10.35 25.16
N SER B 207 12.91 10.32 26.49
CA SER B 207 13.59 11.41 27.23
C SER B 207 15.04 11.62 26.76
N SER B 208 15.68 10.53 26.31
CA SER B 208 17.04 10.50 25.78
C SER B 208 17.12 9.40 24.71
N PRO B 209 18.04 9.49 23.70
CA PRO B 209 18.10 8.44 22.67
C PRO B 209 18.26 7.02 23.21
N VAL B 210 17.55 6.07 22.59
CA VAL B 210 17.58 4.65 22.97
C VAL B 210 18.47 3.91 21.97
N THR B 211 19.48 3.19 22.47
CA THR B 211 20.38 2.40 21.63
C THR B 211 20.11 0.91 21.84
N LYS B 212 19.77 0.20 20.76
CA LYS B 212 19.56 -1.24 20.80
C LYS B 212 20.71 -1.85 20.03
N SER B 213 21.49 -2.73 20.69
CA SER B 213 22.65 -3.31 20.05
C SER B 213 22.82 -4.80 20.31
N PHE B 214 23.68 -5.43 19.50
CA PHE B 214 24.10 -6.81 19.68
C PHE B 214 25.57 -6.90 19.32
N ASN B 215 26.23 -7.93 19.85
CA ASN B 215 27.62 -8.23 19.53
C ASN B 215 27.58 -9.39 18.55
N ARG B 216 28.27 -9.26 17.42
CA ARG B 216 28.36 -10.34 16.43
C ARG B 216 29.03 -11.56 17.12
N GLY B 217 28.47 -12.75 16.89
CA GLY B 217 29.04 -13.98 17.46
C GLY B 217 28.84 -14.20 18.94
N GLU B 218 27.72 -13.73 19.49
CA GLU B 218 27.40 -13.99 20.90
C GLU B 218 26.78 -15.40 20.95
N CYS B 219 25.94 -15.73 19.93
CA CYS B 219 25.27 -17.03 19.76
CA CYS B 219 25.26 -17.03 19.76
C CYS B 219 24.85 -17.21 18.28
#